data_8JMT
#
_entry.id   8JMT
#
_cell.length_a   1.00
_cell.length_b   1.00
_cell.length_c   1.00
_cell.angle_alpha   90.00
_cell.angle_beta   90.00
_cell.angle_gamma   90.00
#
_symmetry.space_group_name_H-M   'P 1'
#
_entity_poly.entity_id   1
_entity_poly.type   'polypeptide(L)'
_entity_poly.pdbx_seq_one_letter_code
;DYKDDDDKAVEAREIMWFKTRQGQIAKQPCPAGTIGVSTYLCLAPDGIWDPQGPDLSNCSSPWVNHITQKLKSGETAANI
ARELAEQTRNHLNAGDITYSVRAMDQLVGLLDVQLRNLTPGGKDSAARSLNKLQKRERSCRAYVQAMVETVNNLLQPQAL
NAWRDLTTSDQLRAATMLLHTVEESAFVLADNLLKTDIVRENTDNIKLEVARLSTEGNLEDLKFPENMGHGSTIQLSANT
LKQNGRNGEIRVAFVLYNNLGPYLSTENASMKLGTEALSTNHSVIVNSPVITAAINKEFSNKVYLADPVVFTVKHIKQSE
ENFNPNCSFWSYSKRTMTGYWSTQGCRLLTTNKTHTTCSCNHLANFAVLMAHVEVKHSDAVHDLLLDVITWVGILLSLVC
LLICIFTFCFFRGLQSDRNTIHKNLCISLFVAELLFLIGINRTDQPIACAVFAALLHFFFLAAFTWMFLEGVQLYIMLVE
VFESEHSRRKYFYLVGYGMPALIVAVSAAVDYRSYGTDKVCWLRLDTYFIWSFIGPATLIIMLNVIFLGIALYKMFHHTA
DLEDNWETLNDNLKVIEKADNAAQVKDALTKMRAAALDAQKASGSGSPEMKDFRHGFDILVGQIDDALKLANEGKVKEAQ
AAAEQLKTTRNAYIQKYLERADNIKSWVIGAIALLCLLGLTWAFGLMYINESTVIMAYLFTIFNSLQGMFIFIFHCVLQK
KVRKEYGKCLRTHAASRLEEELRRRLTEGSHHHHHHHH
;
_entity_poly.pdbx_strand_id   A
#
# COMPACT_ATOMS: atom_id res chain seq x y z
N ASP A 383 -22.84 -5.23 -13.62
CA ASP A 383 -21.44 -5.29 -13.23
C ASP A 383 -20.57 -4.48 -14.19
N LEU A 384 -20.96 -4.49 -15.48
CA LEU A 384 -20.20 -3.75 -16.47
C LEU A 384 -20.28 -2.24 -16.23
N LEU A 385 -21.47 -1.75 -15.84
CA LEU A 385 -21.64 -0.32 -15.61
C LEU A 385 -20.77 0.17 -14.47
N LEU A 386 -20.70 -0.60 -13.38
CA LEU A 386 -19.85 -0.22 -12.25
C LEU A 386 -18.37 -0.31 -12.61
N ASP A 387 -18.01 -1.24 -13.51
CA ASP A 387 -16.62 -1.39 -13.90
C ASP A 387 -16.09 -0.14 -14.58
N VAL A 388 -16.96 0.61 -15.24
CA VAL A 388 -16.54 1.84 -15.92
C VAL A 388 -15.99 2.84 -14.90
N ILE A 389 -16.68 2.97 -13.76
CA ILE A 389 -16.24 3.89 -12.72
C ILE A 389 -14.92 3.43 -12.12
N THR A 390 -14.78 2.13 -11.86
CA THR A 390 -13.59 1.62 -11.21
C THR A 390 -12.34 1.87 -12.04
N TRP A 391 -12.46 1.81 -13.37
CA TRP A 391 -11.32 2.07 -14.23
C TRP A 391 -10.80 3.50 -14.05
N VAL A 392 -11.72 4.44 -13.82
CA VAL A 392 -11.31 5.83 -13.62
C VAL A 392 -10.48 5.98 -12.35
N GLY A 393 -10.97 5.43 -11.24
CA GLY A 393 -10.30 5.54 -9.98
C GLY A 393 -8.99 4.77 -9.88
N ILE A 394 -8.99 3.52 -10.36
CA ILE A 394 -7.79 2.70 -10.27
C ILE A 394 -6.67 3.29 -11.13
N LEU A 395 -7.02 3.79 -12.31
CA LEU A 395 -6.03 4.46 -13.15
C LEU A 395 -5.47 5.71 -12.46
N LEU A 396 -6.32 6.45 -11.77
CA LEU A 396 -5.86 7.63 -11.04
C LEU A 396 -4.90 7.23 -9.92
N SER A 397 -5.19 6.12 -9.24
CA SER A 397 -4.27 5.61 -8.23
C SER A 397 -2.95 5.17 -8.87
N LEU A 398 -3.03 4.52 -10.04
CA LEU A 398 -1.82 4.09 -10.72
C LEU A 398 -0.95 5.27 -11.15
N VAL A 399 -1.58 6.31 -11.69
CA VAL A 399 -0.83 7.49 -12.13
C VAL A 399 -0.24 8.23 -10.94
N CYS A 400 -1.06 8.49 -9.92
CA CYS A 400 -0.60 9.24 -8.75
C CYS A 400 0.54 8.53 -8.02
N LEU A 401 0.50 7.20 -7.94
CA LEU A 401 1.66 6.47 -7.45
C LEU A 401 2.85 6.63 -8.40
N LEU A 402 2.60 6.52 -9.70
CA LEU A 402 3.68 6.53 -10.68
C LEU A 402 4.45 7.84 -10.68
N ILE A 403 3.73 8.96 -10.49
CA ILE A 403 4.37 10.27 -10.51
C ILE A 403 5.49 10.34 -9.47
N CYS A 404 5.29 9.68 -8.33
CA CYS A 404 6.37 9.57 -7.37
C CYS A 404 6.66 8.13 -6.95
N ILE A 405 6.65 7.18 -7.88
CA ILE A 405 7.31 5.90 -7.68
C ILE A 405 8.81 6.01 -7.96
N PHE A 406 9.20 6.77 -8.97
CA PHE A 406 10.61 6.94 -9.31
C PHE A 406 11.31 8.06 -8.57
N THR A 407 10.58 9.08 -8.12
CA THR A 407 11.20 10.20 -7.41
C THR A 407 11.76 9.73 -6.06
N PHE A 408 11.51 8.47 -5.72
CA PHE A 408 12.08 7.84 -4.54
C PHE A 408 13.39 7.11 -4.88
N CYS A 409 13.70 7.02 -6.18
CA CYS A 409 14.95 6.42 -6.62
C CYS A 409 15.63 7.27 -7.68
N PHE A 410 14.85 8.11 -8.38
CA PHE A 410 15.42 8.98 -9.40
C PHE A 410 16.29 10.09 -8.79
N PHE A 411 16.08 10.40 -7.51
CA PHE A 411 16.88 11.39 -6.82
C PHE A 411 17.88 10.69 -5.91
N ARG A 412 19.13 11.14 -5.96
CA ARG A 412 20.21 10.56 -5.15
C ARG A 412 20.39 11.27 -3.81
N GLY A 413 19.54 12.26 -3.53
CA GLY A 413 19.59 12.95 -2.26
C GLY A 413 18.61 12.41 -1.25
N LEU A 414 17.38 12.12 -1.71
CA LEU A 414 16.33 11.64 -0.83
C LEU A 414 16.63 10.26 -0.26
N GLN A 415 17.43 9.47 -0.99
CA GLN A 415 17.66 8.07 -0.66
C GLN A 415 18.07 7.87 0.80
N SER A 416 17.23 7.16 1.55
CA SER A 416 17.48 6.91 2.96
C SER A 416 16.66 5.70 3.42
N ASP A 417 16.56 5.50 4.74
CA ASP A 417 15.76 4.41 5.28
C ASP A 417 14.26 4.66 5.21
N ARG A 418 13.82 5.91 5.06
CA ARG A 418 12.41 6.22 4.82
C ARG A 418 12.12 6.46 3.35
N ASN A 419 13.13 6.33 2.49
CA ASN A 419 12.92 6.42 1.06
C ASN A 419 12.90 5.05 0.39
N THR A 420 13.44 4.02 1.05
CA THR A 420 13.33 2.65 0.58
C THR A 420 11.99 2.03 0.99
N ILE A 421 11.57 2.27 2.24
CA ILE A 421 10.26 1.82 2.69
C ILE A 421 9.15 2.47 1.89
N HIS A 422 9.25 3.77 1.65
CA HIS A 422 8.23 4.49 0.89
C HIS A 422 8.33 4.25 -0.61
N LYS A 423 9.43 3.65 -1.09
CA LYS A 423 9.53 3.22 -2.48
C LYS A 423 8.97 1.84 -2.71
N ASN A 424 9.32 0.88 -1.84
CA ASN A 424 8.76 -0.45 -1.95
C ASN A 424 7.26 -0.45 -1.66
N LEU A 425 6.80 0.44 -0.79
CA LEU A 425 5.38 0.56 -0.53
C LEU A 425 4.62 0.96 -1.79
N CYS A 426 5.09 2.00 -2.49
CA CYS A 426 4.46 2.39 -3.75
C CYS A 426 4.62 1.35 -4.83
N ILE A 427 5.76 0.65 -4.90
CA ILE A 427 5.90 -0.42 -5.87
C ILE A 427 4.88 -1.53 -5.62
N SER A 428 4.74 -1.97 -4.37
CA SER A 428 3.77 -3.00 -4.05
C SER A 428 2.34 -2.56 -4.32
N LEU A 429 1.99 -1.33 -3.95
CA LEU A 429 0.64 -0.83 -4.22
C LEU A 429 0.39 -0.70 -5.72
N PHE A 430 1.39 -0.27 -6.48
CA PHE A 430 1.30 -0.19 -7.93
C PHE A 430 1.02 -1.54 -8.55
N VAL A 431 1.79 -2.55 -8.13
CA VAL A 431 1.62 -3.90 -8.66
C VAL A 431 0.25 -4.43 -8.27
N ALA A 432 -0.18 -4.16 -7.03
CA ALA A 432 -1.49 -4.62 -6.58
C ALA A 432 -2.61 -4.00 -7.40
N GLU A 433 -2.52 -2.69 -7.64
CA GLU A 433 -3.54 -2.02 -8.45
C GLU A 433 -3.56 -2.53 -9.88
N LEU A 434 -2.38 -2.74 -10.48
CA LEU A 434 -2.32 -3.22 -11.86
C LEU A 434 -2.87 -4.62 -11.96
N LEU A 435 -2.51 -5.50 -11.02
CA LEU A 435 -3.05 -6.85 -10.99
C LEU A 435 -4.55 -6.86 -10.76
N PHE A 436 -5.06 -5.97 -9.91
CA PHE A 436 -6.50 -5.83 -9.76
C PHE A 436 -7.15 -5.44 -11.09
N LEU A 437 -6.63 -4.41 -11.75
CA LEU A 437 -7.22 -3.94 -13.00
C LEU A 437 -7.17 -5.01 -14.08
N ILE A 438 -6.15 -5.87 -14.08
CA ILE A 438 -6.03 -6.90 -15.11
C ILE A 438 -6.70 -8.20 -14.72
N GLY A 439 -7.12 -8.35 -13.46
CA GLY A 439 -7.68 -9.61 -12.99
C GLY A 439 -8.93 -9.51 -12.15
N ILE A 440 -9.81 -8.54 -12.44
CA ILE A 440 -11.01 -8.34 -11.64
C ILE A 440 -11.88 -9.60 -11.62
N ASN A 441 -12.18 -10.16 -12.80
CA ASN A 441 -13.05 -11.33 -12.90
C ASN A 441 -12.62 -12.29 -13.99
N ARG A 442 -11.47 -12.08 -14.62
CA ARG A 442 -11.08 -12.90 -15.76
C ARG A 442 -10.67 -14.30 -15.31
N THR A 443 -11.66 -15.17 -15.08
CA THR A 443 -11.42 -16.56 -14.72
C THR A 443 -11.55 -17.50 -15.91
N ASP A 444 -11.64 -16.97 -17.13
CA ASP A 444 -11.72 -17.81 -18.32
C ASP A 444 -10.50 -18.69 -18.46
N GLN A 445 -9.32 -18.16 -18.14
CA GLN A 445 -8.11 -18.95 -18.12
C GLN A 445 -7.78 -19.31 -16.67
N PRO A 446 -7.94 -20.57 -16.25
CA PRO A 446 -7.72 -20.91 -14.84
C PRO A 446 -6.27 -20.76 -14.41
N ILE A 447 -5.34 -21.10 -15.30
CA ILE A 447 -3.93 -20.98 -14.98
C ILE A 447 -3.54 -19.52 -14.78
N ALA A 448 -4.14 -18.62 -15.55
CA ALA A 448 -3.90 -17.20 -15.34
C ALA A 448 -4.59 -16.71 -14.08
N CYS A 449 -5.77 -17.25 -13.78
CA CYS A 449 -6.52 -16.84 -12.58
C CYS A 449 -5.75 -17.20 -11.32
N ALA A 450 -5.13 -18.38 -11.29
CA ALA A 450 -4.36 -18.79 -10.13
C ALA A 450 -3.17 -17.86 -9.89
N VAL A 451 -2.47 -17.51 -10.97
CA VAL A 451 -1.34 -16.58 -10.87
C VAL A 451 -1.82 -15.22 -10.37
N PHE A 452 -2.94 -14.74 -10.92
CA PHE A 452 -3.52 -13.48 -10.49
C PHE A 452 -3.80 -13.49 -8.99
N ALA A 453 -4.46 -14.55 -8.52
CA ALA A 453 -4.83 -14.69 -7.12
C ALA A 453 -3.60 -14.70 -6.23
N ALA A 454 -2.61 -15.53 -6.58
CA ALA A 454 -1.42 -15.64 -5.75
C ALA A 454 -0.66 -14.31 -5.69
N LEU A 455 -0.49 -13.66 -6.84
CA LEU A 455 0.24 -12.40 -6.88
C LEU A 455 -0.47 -11.32 -6.08
N LEU A 456 -1.80 -11.23 -6.22
CA LEU A 456 -2.55 -10.22 -5.49
C LEU A 456 -2.50 -10.47 -3.99
N HIS A 457 -2.68 -11.72 -3.58
CA HIS A 457 -2.62 -12.09 -2.17
C HIS A 457 -1.24 -11.83 -1.58
N PHE A 458 -0.19 -12.01 -2.37
CA PHE A 458 1.16 -11.69 -1.92
C PHE A 458 1.37 -10.19 -1.76
N PHE A 459 0.98 -9.41 -2.76
CA PHE A 459 1.33 -7.99 -2.78
C PHE A 459 0.48 -7.18 -1.81
N PHE A 460 -0.75 -7.61 -1.54
CA PHE A 460 -1.55 -6.93 -0.53
C PHE A 460 -0.87 -6.97 0.84
N LEU A 461 -0.51 -8.17 1.28
CA LEU A 461 0.18 -8.32 2.56
C LEU A 461 1.57 -7.72 2.51
N ALA A 462 2.20 -7.67 1.34
CA ALA A 462 3.47 -6.96 1.20
C ALA A 462 3.33 -5.47 1.47
N ALA A 463 2.32 -4.82 0.89
CA ALA A 463 2.10 -3.40 1.15
C ALA A 463 1.76 -3.17 2.62
N PHE A 464 0.92 -4.03 3.19
CA PHE A 464 0.56 -3.86 4.60
C PHE A 464 1.77 -4.00 5.51
N THR A 465 2.62 -5.00 5.29
CA THR A 465 3.82 -5.14 6.10
C THR A 465 4.87 -4.08 5.78
N TRP A 466 4.82 -3.45 4.61
CA TRP A 466 5.70 -2.33 4.36
C TRP A 466 5.27 -1.09 5.14
N MET A 467 3.96 -0.85 5.31
CA MET A 467 3.60 0.20 6.26
C MET A 467 3.87 -0.22 7.70
N PHE A 468 3.81 -1.51 8.02
CA PHE A 468 4.37 -1.98 9.27
C PHE A 468 5.82 -1.51 9.46
N LEU A 469 6.66 -1.74 8.45
CA LEU A 469 8.05 -1.33 8.55
C LEU A 469 8.20 0.18 8.58
N GLU A 470 7.30 0.91 7.91
CA GLU A 470 7.30 2.37 8.00
C GLU A 470 7.02 2.85 9.41
N GLY A 471 6.04 2.24 10.09
CA GLY A 471 5.79 2.58 11.48
C GLY A 471 6.95 2.26 12.38
N VAL A 472 7.57 1.09 12.16
CA VAL A 472 8.76 0.72 12.93
C VAL A 472 9.87 1.73 12.72
N GLN A 473 10.10 2.15 11.48
CA GLN A 473 11.12 3.14 11.18
C GLN A 473 10.83 4.48 11.81
N LEU A 474 9.56 4.91 11.80
CA LEU A 474 9.19 6.16 12.44
C LEU A 474 9.35 6.10 13.95
N TYR A 475 9.20 4.92 14.55
CA TYR A 475 9.44 4.78 15.99
C TYR A 475 10.94 4.80 16.29
N ILE A 476 11.73 4.15 15.44
CA ILE A 476 13.18 4.12 15.63
C ILE A 476 13.77 5.52 15.46
N MET A 477 13.32 6.27 14.45
CA MET A 477 13.84 7.63 14.32
C MET A 477 13.30 8.57 15.38
N LEU A 478 12.50 8.06 16.31
CA LEU A 478 12.08 8.82 17.47
C LEU A 478 12.79 8.43 18.74
N VAL A 479 13.14 7.15 18.92
CA VAL A 479 13.97 6.79 20.07
C VAL A 479 15.34 7.43 19.97
N GLU A 480 15.83 7.67 18.76
CA GLU A 480 17.12 8.30 18.54
C GLU A 480 16.96 9.69 17.95
N SER A 487 22.79 1.68 7.38
CA SER A 487 21.85 1.34 6.31
C SER A 487 21.41 -0.10 6.41
N ARG A 488 20.14 -0.32 6.74
CA ARG A 488 19.55 -1.65 6.88
C ARG A 488 18.65 -1.98 5.69
N ARG A 489 19.04 -1.56 4.49
CA ARG A 489 18.16 -1.63 3.32
C ARG A 489 17.74 -3.07 3.02
N LYS A 490 18.68 -4.01 3.10
CA LYS A 490 18.36 -5.39 2.75
C LYS A 490 17.51 -6.06 3.81
N TYR A 491 17.70 -5.69 5.08
CA TYR A 491 16.94 -6.33 6.15
C TYR A 491 15.47 -5.87 6.17
N PHE A 492 15.21 -4.61 5.81
CA PHE A 492 13.82 -4.21 5.61
C PHE A 492 13.22 -4.94 4.41
N TYR A 493 14.03 -5.17 3.38
CA TYR A 493 13.58 -6.01 2.27
C TYR A 493 13.28 -7.43 2.74
N LEU A 494 14.02 -7.90 3.75
CA LEU A 494 13.79 -9.25 4.26
C LEU A 494 12.43 -9.34 4.97
N VAL A 495 12.14 -8.39 5.86
CA VAL A 495 10.85 -8.38 6.54
C VAL A 495 9.74 -7.99 5.57
N GLY A 496 10.02 -7.01 4.71
CA GLY A 496 8.98 -6.47 3.84
C GLY A 496 8.46 -7.47 2.82
N TYR A 497 9.32 -8.36 2.32
CA TYR A 497 8.93 -9.33 1.31
C TYR A 497 8.99 -10.76 1.79
N GLY A 498 9.92 -11.08 2.70
CA GLY A 498 10.04 -12.45 3.17
C GLY A 498 8.81 -12.94 3.91
N MET A 499 8.29 -12.11 4.82
CA MET A 499 7.09 -12.49 5.57
C MET A 499 5.89 -12.73 4.65
N PRO A 500 5.55 -11.84 3.70
CA PRO A 500 4.51 -12.22 2.73
C PRO A 500 4.87 -13.45 1.93
N ALA A 501 6.14 -13.59 1.53
CA ALA A 501 6.56 -14.76 0.78
C ALA A 501 6.44 -16.03 1.61
N LEU A 502 6.78 -15.95 2.89
CA LEU A 502 6.68 -17.11 3.77
C LEU A 502 5.23 -17.58 3.88
N ILE A 503 4.29 -16.64 4.00
CA ILE A 503 2.89 -17.00 4.18
C ILE A 503 2.34 -17.65 2.91
N VAL A 504 2.61 -17.04 1.74
CA VAL A 504 2.00 -17.51 0.50
C VAL A 504 2.44 -18.92 0.18
N ALA A 505 3.75 -19.20 0.28
CA ALA A 505 4.24 -20.54 -0.04
C ALA A 505 3.70 -21.58 0.94
N VAL A 506 3.68 -21.26 2.23
CA VAL A 506 3.20 -22.22 3.22
C VAL A 506 1.71 -22.43 3.09
N SER A 507 0.95 -21.35 2.88
CA SER A 507 -0.50 -21.47 2.75
C SER A 507 -0.89 -22.22 1.48
N ALA A 508 -0.15 -22.01 0.39
CA ALA A 508 -0.45 -22.74 -0.85
C ALA A 508 -0.09 -24.22 -0.71
N ALA A 509 0.83 -24.55 0.20
CA ALA A 509 1.19 -25.94 0.42
C ALA A 509 0.00 -26.73 0.96
N VAL A 510 -0.75 -26.14 1.88
CA VAL A 510 -1.92 -26.78 2.46
C VAL A 510 -3.08 -26.76 1.49
N VAL A 520 -14.63 -15.05 -9.78
CA VAL A 520 -13.68 -14.27 -9.00
C VAL A 520 -12.29 -14.88 -9.11
N CYS A 521 -11.27 -14.03 -9.18
CA CYS A 521 -9.88 -14.45 -9.27
C CYS A 521 -9.08 -13.95 -8.07
N TRP A 522 -9.78 -13.53 -7.01
CA TRP A 522 -9.08 -13.13 -5.79
C TRP A 522 -8.79 -14.35 -4.93
N LEU A 523 -9.83 -15.02 -4.45
CA LEU A 523 -9.70 -16.14 -3.53
C LEU A 523 -11.09 -16.72 -3.27
N ARG A 524 -11.17 -17.83 -2.55
CA ARG A 524 -12.45 -18.45 -2.18
C ARG A 524 -12.89 -17.82 -0.86
N LEU A 525 -13.86 -16.91 -0.95
CA LEU A 525 -14.35 -16.22 0.25
C LEU A 525 -15.28 -17.06 1.11
N ASP A 526 -15.48 -18.34 0.80
CA ASP A 526 -16.35 -19.20 1.60
C ASP A 526 -15.55 -19.96 2.66
N THR A 527 -15.15 -19.21 3.68
CA THR A 527 -14.41 -19.73 4.85
C THR A 527 -13.11 -20.34 4.35
N TYR A 528 -12.79 -21.60 4.67
CA TYR A 528 -11.52 -22.22 4.34
C TYR A 528 -10.35 -21.40 4.85
N PHE A 529 -9.73 -20.59 3.99
CA PHE A 529 -8.55 -19.82 4.39
C PHE A 529 -8.61 -18.36 3.93
N ILE A 530 -9.79 -17.86 3.55
CA ILE A 530 -9.94 -16.41 3.48
C ILE A 530 -9.67 -15.79 4.84
N TRP A 531 -10.11 -16.45 5.92
CA TRP A 531 -9.73 -16.04 7.26
C TRP A 531 -8.25 -16.23 7.54
N SER A 532 -7.63 -17.28 7.01
CA SER A 532 -6.20 -17.46 7.18
C SER A 532 -5.38 -16.39 6.46
N PHE A 533 -5.96 -15.74 5.46
CA PHE A 533 -5.39 -14.52 4.88
C PHE A 533 -5.66 -13.31 5.76
N ILE A 534 -6.92 -13.13 6.18
CA ILE A 534 -7.32 -11.93 6.92
C ILE A 534 -6.58 -11.83 8.25
N GLY A 535 -6.33 -12.97 8.90
CA GLY A 535 -5.70 -13.00 10.20
C GLY A 535 -4.38 -12.23 10.26
N PRO A 536 -3.39 -12.66 9.48
CA PRO A 536 -2.13 -11.90 9.43
C PRO A 536 -2.30 -10.46 9.00
N ALA A 537 -3.20 -10.19 8.04
CA ALA A 537 -3.39 -8.82 7.56
C ALA A 537 -3.93 -7.92 8.66
N THR A 538 -5.01 -8.34 9.31
CA THR A 538 -5.56 -7.55 10.41
C THR A 538 -4.59 -7.46 11.58
N LEU A 539 -3.84 -8.53 11.85
CA LEU A 539 -2.87 -8.50 12.93
C LEU A 539 -1.79 -7.46 12.68
N ILE A 540 -1.23 -7.44 11.47
CA ILE A 540 -0.18 -6.46 11.18
C ILE A 540 -0.74 -5.06 11.08
N ILE A 541 -2.00 -4.90 10.62
CA ILE A 541 -2.60 -3.56 10.62
C ILE A 541 -2.75 -3.04 12.05
N MET A 542 -3.28 -3.89 12.95
CA MET A 542 -3.44 -3.48 14.34
C MET A 542 -2.09 -3.20 15.01
N LEU A 543 -1.08 -4.00 14.71
CA LEU A 543 0.22 -3.82 15.38
C LEU A 543 0.97 -2.62 14.81
N ASN A 544 0.77 -2.31 13.53
CA ASN A 544 1.22 -1.03 12.98
C ASN A 544 0.53 0.14 13.66
N VAL A 545 -0.77 0.02 13.91
CA VAL A 545 -1.48 1.03 14.69
C VAL A 545 -0.87 1.13 16.09
N ILE A 546 -0.44 0.00 16.64
CA ILE A 546 0.18 -0.01 17.97
C ILE A 546 1.44 0.85 17.97
N PHE A 547 2.35 0.60 17.02
CA PHE A 547 3.54 1.45 16.94
C PHE A 547 3.20 2.91 16.67
N LEU A 548 2.26 3.18 15.76
CA LEU A 548 1.93 4.57 15.44
C LEU A 548 1.39 5.30 16.66
N GLY A 549 0.52 4.63 17.43
CA GLY A 549 0.00 5.18 18.67
C GLY A 549 1.07 5.38 19.71
N ILE A 550 1.99 4.43 19.85
CA ILE A 550 3.08 4.57 20.81
C ILE A 550 3.92 5.80 20.49
N ALA A 551 4.32 5.94 19.22
CA ALA A 551 5.14 7.08 18.83
C ALA A 551 4.39 8.39 19.05
N LEU A 552 3.12 8.45 18.65
CA LEU A 552 2.36 9.68 18.79
C LEU A 552 2.18 10.05 20.26
N TYR A 553 1.88 9.06 21.11
CA TYR A 553 1.71 9.30 22.53
C TYR A 553 3.01 9.77 23.18
N LYS A 554 4.12 9.11 22.82
CA LYS A 554 5.42 9.51 23.34
C LYS A 554 5.68 10.98 23.01
N MET A 555 5.53 11.35 21.74
CA MET A 555 5.83 12.72 21.36
C MET A 555 4.88 13.69 22.04
N PHE A 556 3.60 13.33 22.13
CA PHE A 556 2.60 14.25 22.65
C PHE A 556 2.81 14.53 24.13
N HIS A 557 2.96 13.48 24.94
CA HIS A 557 3.04 13.72 26.38
C HIS A 557 4.48 14.07 26.79
N HIS A 558 5.44 13.85 25.89
CA HIS A 558 6.83 14.18 26.19
C HIS A 558 7.50 14.88 25.01
N ASP A 662 7.89 19.46 15.38
CA ASP A 662 8.73 18.38 14.89
C ASP A 662 8.23 17.88 13.53
N ASN A 663 8.98 16.97 12.93
CA ASN A 663 8.58 16.34 11.67
C ASN A 663 8.13 14.90 11.84
N ILE A 664 8.61 14.21 12.88
CA ILE A 664 8.14 12.86 13.14
C ILE A 664 6.66 12.87 13.48
N LYS A 665 6.18 13.92 14.15
CA LYS A 665 4.77 14.03 14.46
C LYS A 665 3.94 14.10 13.18
N SER A 666 4.34 14.96 12.25
CA SER A 666 3.62 15.07 10.98
C SER A 666 3.70 13.76 10.20
N TRP A 667 4.87 13.11 10.23
CA TRP A 667 5.00 11.86 9.48
C TRP A 667 4.13 10.75 10.06
N VAL A 668 4.05 10.64 11.38
CA VAL A 668 3.19 9.60 11.97
C VAL A 668 1.71 9.94 11.79
N ILE A 669 1.33 11.23 11.83
CA ILE A 669 -0.05 11.57 11.50
C ILE A 669 -0.40 11.21 10.06
N GLY A 670 0.47 11.54 9.11
CA GLY A 670 0.26 11.14 7.74
C GLY A 670 0.22 9.64 7.57
N ALA A 671 1.07 8.92 8.31
CA ALA A 671 1.09 7.46 8.21
C ALA A 671 -0.19 6.85 8.75
N ILE A 672 -0.71 7.35 9.87
CA ILE A 672 -1.94 6.80 10.42
C ILE A 672 -3.12 7.13 9.51
N ALA A 673 -3.13 8.33 8.91
CA ALA A 673 -4.16 8.66 7.94
C ALA A 673 -4.09 7.75 6.72
N LEU A 674 -2.87 7.48 6.25
CA LEU A 674 -2.68 6.63 5.07
C LEU A 674 -3.10 5.20 5.36
N LEU A 675 -2.80 4.71 6.56
CA LEU A 675 -3.21 3.38 6.95
C LEU A 675 -4.73 3.26 7.07
N CYS A 676 -5.39 4.28 7.65
CA CYS A 676 -6.85 4.29 7.65
C CYS A 676 -7.41 4.35 6.23
N LEU A 677 -6.73 5.07 5.33
CA LEU A 677 -7.16 5.11 3.94
C LEU A 677 -7.07 3.73 3.28
N LEU A 678 -5.97 3.02 3.50
CA LEU A 678 -5.90 1.65 2.98
C LEU A 678 -6.98 0.77 3.59
N GLY A 679 -7.23 0.91 4.88
CA GLY A 679 -8.29 0.12 5.49
C GLY A 679 -9.62 0.34 4.81
N LEU A 680 -10.03 1.61 4.69
CA LEU A 680 -11.35 1.95 4.17
C LEU A 680 -11.40 1.87 2.65
N THR A 681 -10.26 1.60 2.01
CA THR A 681 -10.24 1.38 0.57
C THR A 681 -10.29 -0.11 0.25
N TRP A 682 -9.37 -0.88 0.82
CA TRP A 682 -9.27 -2.28 0.49
C TRP A 682 -10.17 -3.13 1.39
N ALA A 683 -11.03 -2.48 2.17
CA ALA A 683 -12.20 -3.17 2.71
C ALA A 683 -13.32 -3.23 1.70
N PHE A 684 -13.55 -2.15 0.95
CA PHE A 684 -14.50 -2.18 -0.16
C PHE A 684 -13.91 -2.87 -1.38
N GLY A 685 -12.58 -2.91 -1.48
CA GLY A 685 -11.93 -3.64 -2.55
C GLY A 685 -12.14 -5.13 -2.50
N LEU A 686 -12.27 -5.70 -1.31
CA LEU A 686 -12.60 -7.10 -1.14
C LEU A 686 -14.10 -7.36 -1.14
N MET A 687 -14.91 -6.31 -1.32
CA MET A 687 -16.34 -6.41 -1.49
C MET A 687 -16.78 -6.24 -2.94
N TYR A 688 -16.06 -5.43 -3.72
CA TYR A 688 -16.30 -5.27 -5.14
C TYR A 688 -16.05 -6.54 -5.94
N ILE A 689 -15.33 -7.51 -5.37
CA ILE A 689 -14.93 -8.72 -6.09
C ILE A 689 -15.96 -9.83 -5.97
N ASN A 690 -16.52 -10.04 -4.77
CA ASN A 690 -17.50 -11.08 -4.56
C ASN A 690 -18.93 -10.61 -4.76
N GLU A 691 -19.14 -9.32 -5.02
CA GLU A 691 -20.47 -8.78 -5.23
C GLU A 691 -20.32 -7.46 -6.00
N SER A 692 -21.45 -6.87 -6.38
CA SER A 692 -21.39 -5.60 -7.12
C SER A 692 -22.33 -4.54 -6.56
N THR A 693 -22.50 -4.45 -5.24
CA THR A 693 -23.38 -3.45 -4.66
C THR A 693 -22.79 -2.05 -4.84
N VAL A 694 -23.63 -1.13 -5.34
CA VAL A 694 -23.21 0.25 -5.58
C VAL A 694 -22.97 0.95 -4.25
N ILE A 695 -23.43 0.33 -3.15
CA ILE A 695 -23.30 0.93 -1.84
C ILE A 695 -21.85 1.01 -1.36
N MET A 696 -21.04 -0.02 -1.64
CA MET A 696 -19.65 -0.01 -1.19
C MET A 696 -18.67 -0.12 -2.36
N ALA A 697 -19.02 -0.90 -3.38
CA ALA A 697 -18.13 -1.08 -4.52
C ALA A 697 -17.91 0.24 -5.26
N TYR A 698 -18.96 1.05 -5.39
CA TYR A 698 -18.81 2.34 -6.04
C TYR A 698 -17.90 3.26 -5.24
N LEU A 699 -18.05 3.28 -3.91
CA LEU A 699 -17.18 4.11 -3.08
C LEU A 699 -15.75 3.58 -3.05
N PHE A 700 -15.57 2.30 -3.38
CA PHE A 700 -14.21 1.76 -3.49
C PHE A 700 -13.38 2.56 -4.49
N THR A 701 -14.01 2.99 -5.59
CA THR A 701 -13.31 3.79 -6.59
C THR A 701 -12.81 5.11 -6.01
N ILE A 702 -13.70 5.83 -5.31
CA ILE A 702 -13.31 7.12 -4.74
C ILE A 702 -12.28 6.93 -3.64
N PHE A 703 -12.34 5.80 -2.92
CA PHE A 703 -11.30 5.54 -1.92
C PHE A 703 -9.96 5.22 -2.55
N ASN A 704 -9.92 4.55 -3.70
CA ASN A 704 -8.66 4.42 -4.42
C ASN A 704 -8.15 5.77 -4.87
N SER A 705 -9.05 6.62 -5.39
CA SER A 705 -8.67 7.95 -5.83
C SER A 705 -8.10 8.79 -4.70
N LEU A 706 -8.67 8.69 -3.50
CA LEU A 706 -8.14 9.38 -2.32
C LEU A 706 -6.87 8.75 -1.77
N GLN A 707 -6.73 7.42 -1.84
CA GLN A 707 -5.55 6.72 -1.36
C GLN A 707 -4.34 7.16 -2.16
N GLY A 708 -4.44 7.05 -3.50
CA GLY A 708 -3.36 7.54 -4.34
C GLY A 708 -3.14 9.03 -4.19
N MET A 709 -4.23 9.78 -4.03
CA MET A 709 -4.13 11.23 -3.83
C MET A 709 -3.28 11.55 -2.62
N PHE A 710 -3.52 10.86 -1.50
CA PHE A 710 -2.75 11.10 -0.29
C PHE A 710 -1.29 10.66 -0.48
N ILE A 711 -1.08 9.52 -1.12
CA ILE A 711 0.30 9.04 -1.31
C ILE A 711 1.08 10.07 -2.12
N PHE A 712 0.42 10.70 -3.08
CA PHE A 712 1.11 11.63 -3.96
C PHE A 712 1.25 13.01 -3.35
N ILE A 713 0.32 13.41 -2.46
CA ILE A 713 0.34 14.77 -1.95
C ILE A 713 1.06 14.90 -0.60
N PHE A 714 1.10 13.85 0.21
CA PHE A 714 1.75 14.02 1.50
C PHE A 714 3.21 13.61 1.46
N HIS A 715 3.49 12.45 0.87
CA HIS A 715 4.85 11.91 0.89
C HIS A 715 5.66 12.26 -0.35
N CYS A 716 5.13 13.07 -1.26
CA CYS A 716 5.84 13.40 -2.49
C CYS A 716 5.97 14.89 -2.75
N VAL A 717 5.04 15.72 -2.29
CA VAL A 717 5.08 17.15 -2.56
C VAL A 717 5.01 18.00 -1.29
N LEU A 718 4.66 17.42 -0.14
CA LEU A 718 4.52 18.19 1.09
C LEU A 718 5.59 17.86 2.12
N GLN A 719 6.64 17.16 1.73
CA GLN A 719 7.73 16.84 2.65
C GLN A 719 8.81 17.92 2.68
N LYS A 720 8.74 18.90 1.78
CA LYS A 720 9.69 20.01 1.72
C LYS A 720 11.12 19.53 1.46
N LYS A 721 11.23 18.25 1.08
CA LYS A 721 12.52 17.70 0.70
C LYS A 721 12.44 17.09 -0.69
N VAL A 722 11.35 16.40 -0.99
CA VAL A 722 11.12 15.93 -2.35
C VAL A 722 10.79 17.10 -3.27
N ARG A 723 9.96 18.03 -2.78
CA ARG A 723 9.64 19.21 -3.56
C ARG A 723 10.87 20.04 -3.86
N LYS A 724 11.74 20.22 -2.86
CA LYS A 724 12.96 21.01 -3.05
C LYS A 724 13.92 20.34 -4.03
N GLU A 725 14.08 19.01 -3.93
CA GLU A 725 14.95 18.31 -4.87
C GLU A 725 14.40 18.37 -6.28
N TYR A 726 13.08 18.20 -6.44
CA TYR A 726 12.49 18.27 -7.77
C TYR A 726 12.64 19.67 -8.36
N GLY A 727 12.46 20.69 -7.52
CA GLY A 727 12.67 22.05 -7.97
C GLY A 727 14.12 22.31 -8.37
N LYS A 728 15.05 21.77 -7.60
CA LYS A 728 16.48 21.86 -7.94
C LYS A 728 16.74 21.28 -9.31
N CYS A 729 16.24 20.06 -9.54
CA CYS A 729 16.45 19.41 -10.83
C CYS A 729 15.81 20.20 -11.97
N LEU A 730 14.58 20.68 -11.75
CA LEU A 730 13.87 21.43 -12.77
C LEU A 730 14.61 22.73 -13.12
N ARG A 731 15.12 23.43 -12.11
CA ARG A 731 15.75 24.72 -12.35
C ARG A 731 17.14 24.54 -12.95
N THR A 732 17.84 23.45 -12.59
CA THR A 732 19.15 23.19 -13.17
C THR A 732 19.06 22.72 -14.61
N HIS A 733 18.09 21.85 -14.91
CA HIS A 733 17.98 21.28 -16.26
C HIS A 733 17.70 22.35 -17.30
N ALA A 734 16.79 23.27 -17.00
CA ALA A 734 16.44 24.33 -17.93
C ALA A 734 15.80 25.52 -17.21
#